data_7UMV
#
_entry.id   7UMV
#
_cell.length_a   76.962
_cell.length_b   76.962
_cell.length_c   89.238
_cell.angle_alpha   90.000
_cell.angle_beta   90.000
_cell.angle_gamma   120.000
#
_symmetry.space_group_name_H-M   'P 64'
#
loop_
_entity.id
_entity.type
_entity.pdbx_description
1 polymer 'Dual specificity protein phosphatase 10'
2 non-polymer 1-{[(10aP)-5,6-dihydropyrido[2,3-h]quinazolin-2-yl]sulfanyl}-3,3-dimethylbutan-2-one
3 non-polymer 'ACETATE ION'
4 water water
#
_entity_poly.entity_id   1
_entity_poly.type   'polypeptide(L)'
_entity_poly.pdbx_seq_one_letter_code
;GSHMAELTPILPFLFLGNEQDAQDLDTMQRLNIGYVINVTTHLPLYHYEKGLFNYKRLPATDSNKQNLRQYFEEAFEFIE
EAHQCGKGLLIHCQAGVSRSATIVIAYLMKHTRMTMTDAYKFVKGKRPIISPNLNFMGQLLEFEEDLNNGVT
;
_entity_poly.pdbx_strand_id   A
#
# COMPACT_ATOMS: atom_id res chain seq x y z
N HIS A 3 0.50 3.57 -21.35
CA HIS A 3 0.58 2.48 -20.35
C HIS A 3 -0.78 1.90 -19.97
N MET A 4 -0.87 0.56 -19.99
CA MET A 4 -2.04 -0.20 -19.52
C MET A 4 -1.92 -0.41 -18.00
N ALA A 5 -2.69 0.37 -17.24
CA ALA A 5 -2.54 0.29 -15.79
C ALA A 5 -3.11 -1.02 -15.27
N GLU A 6 -2.42 -1.58 -14.30
CA GLU A 6 -2.87 -2.75 -13.54
C GLU A 6 -3.04 -2.23 -12.11
N LEU A 7 -4.26 -1.89 -11.73
CA LEU A 7 -4.55 -1.46 -10.35
C LEU A 7 -5.04 -2.73 -9.69
N THR A 8 -4.14 -3.42 -9.01
CA THR A 8 -4.44 -4.78 -8.55
C THR A 8 -5.40 -4.76 -7.38
N PRO A 9 -6.61 -5.39 -7.48
CA PRO A 9 -7.54 -5.43 -6.34
C PRO A 9 -7.08 -6.48 -5.34
N ILE A 10 -6.68 -6.04 -4.18
CA ILE A 10 -6.35 -6.91 -3.04
C ILE A 10 -7.62 -7.24 -2.26
N LEU A 11 -8.40 -6.22 -1.95
CA LEU A 11 -9.72 -6.22 -1.32
C LEU A 11 -10.64 -5.42 -2.23
N PRO A 12 -11.96 -5.41 -1.96
CA PRO A 12 -12.88 -4.67 -2.86
C PRO A 12 -12.49 -3.19 -3.00
N PHE A 13 -11.87 -2.61 -1.99
CA PHE A 13 -11.64 -1.17 -2.01
C PHE A 13 -10.16 -0.87 -1.89
N LEU A 14 -9.29 -1.86 -1.98
CA LEU A 14 -7.86 -1.64 -1.69
C LEU A 14 -7.06 -2.15 -2.87
N PHE A 15 -6.34 -1.23 -3.55
CA PHE A 15 -5.67 -1.57 -4.81
C PHE A 15 -4.19 -1.24 -4.69
N LEU A 16 -3.37 -2.06 -5.35
CA LEU A 16 -1.90 -1.97 -5.29
C LEU A 16 -1.35 -1.69 -6.68
N GLY A 17 -0.40 -0.73 -6.81
CA GLY A 17 0.13 -0.53 -8.15
C GLY A 17 1.48 0.19 -8.08
N ASN A 18 2.09 0.35 -9.25
CA ASN A 18 3.32 1.12 -9.34
C ASN A 18 3.04 2.55 -9.80
N GLU A 19 4.09 3.28 -10.16
CA GLU A 19 3.86 4.69 -10.46
C GLU A 19 3.29 4.93 -11.84
N GLN A 20 3.38 3.95 -12.75
CA GLN A 20 2.66 4.11 -14.00
C GLN A 20 1.19 3.82 -13.76
N ASP A 21 0.90 2.82 -12.95
CA ASP A 21 -0.50 2.56 -12.61
C ASP A 21 -1.14 3.78 -11.97
N ALA A 22 -0.41 4.47 -11.08
CA ALA A 22 -0.93 5.63 -10.36
C ALA A 22 -1.15 6.85 -11.24
N GLN A 23 -0.74 6.83 -12.50
CA GLN A 23 -1.00 7.94 -13.41
C GLN A 23 -2.21 7.70 -14.31
N ASP A 24 -2.85 6.53 -14.21
CA ASP A 24 -3.96 6.24 -15.12
C ASP A 24 -5.25 6.75 -14.47
N LEU A 25 -5.52 8.02 -14.75
CA LEU A 25 -6.65 8.74 -14.18
C LEU A 25 -7.98 8.07 -14.53
N ASP A 26 -8.14 7.67 -15.78
CA ASP A 26 -9.42 7.09 -16.21
C ASP A 26 -9.72 5.81 -15.45
N THR A 27 -8.73 4.91 -15.33
CA THR A 27 -8.97 3.65 -14.64
C THR A 27 -9.26 3.90 -13.16
N MET A 28 -8.53 4.84 -12.56
CA MET A 28 -8.75 5.17 -11.15
C MET A 28 -10.19 5.63 -10.89
N GLN A 29 -10.71 6.50 -11.76
CA GLN A 29 -12.08 6.97 -11.60
C GLN A 29 -13.09 5.85 -11.85
N ARG A 30 -12.81 4.99 -12.83
CA ARG A 30 -13.68 3.86 -13.15
C ARG A 30 -13.78 2.88 -11.98
N LEU A 31 -12.72 2.75 -11.18
CA LEU A 31 -12.74 1.86 -10.03
C LEU A 31 -13.21 2.54 -8.76
N ASN A 32 -13.73 3.76 -8.88
CA ASN A 32 -14.27 4.51 -7.73
C ASN A 32 -13.18 4.80 -6.70
N ILE A 33 -11.94 5.01 -7.14
CA ILE A 33 -10.85 5.28 -6.21
C ILE A 33 -10.93 6.74 -5.78
N GLY A 34 -10.85 6.97 -4.48
CA GLY A 34 -11.05 8.32 -3.97
C GLY A 34 -9.87 8.76 -3.11
N TYR A 35 -8.93 7.84 -2.88
CA TYR A 35 -7.81 7.98 -1.95
C TYR A 35 -6.57 7.40 -2.59
N VAL A 36 -5.43 8.07 -2.43
CA VAL A 36 -4.18 7.55 -2.96
C VAL A 36 -3.14 7.67 -1.86
N ILE A 37 -2.43 6.57 -1.59
CA ILE A 37 -1.24 6.60 -0.73
C ILE A 37 -0.03 6.44 -1.63
N ASN A 38 0.85 7.48 -1.63
CA ASN A 38 2.08 7.49 -2.41
C ASN A 38 3.22 7.21 -1.42
N VAL A 39 3.82 6.03 -1.50
CA VAL A 39 4.77 5.60 -0.49
C VAL A 39 6.15 5.91 -1.04
N THR A 40 6.39 7.18 -1.37
CA THR A 40 7.71 7.53 -1.87
C THR A 40 8.04 8.94 -1.39
N THR A 41 9.32 9.22 -1.42
CA THR A 41 9.82 10.59 -1.13
C THR A 41 9.70 11.51 -2.34
N HIS A 42 9.80 10.97 -3.59
CA HIS A 42 10.06 11.83 -4.74
C HIS A 42 9.06 11.73 -5.90
N LEU A 43 8.11 10.74 -5.87
CA LEU A 43 7.19 10.77 -7.00
C LEU A 43 6.13 11.84 -6.80
N PRO A 44 5.69 12.48 -7.88
CA PRO A 44 4.59 13.45 -7.79
C PRO A 44 3.33 12.88 -7.18
N LEU A 45 2.54 13.78 -6.59
CA LEU A 45 1.11 13.53 -6.44
C LEU A 45 0.49 13.87 -7.78
N TYR A 46 0.49 12.87 -8.69
CA TYR A 46 0.34 13.13 -10.12
C TYR A 46 -0.91 13.91 -10.44
N HIS A 47 -2.05 13.61 -9.76
CA HIS A 47 -3.30 14.26 -10.12
C HIS A 47 -3.77 15.26 -9.08
N TYR A 48 -2.88 15.71 -8.21
CA TYR A 48 -3.27 16.59 -7.12
C TYR A 48 -4.04 17.81 -7.62
N GLU A 49 -3.58 18.43 -8.71
CA GLU A 49 -4.20 19.67 -9.13
C GLU A 49 -5.61 19.49 -9.68
N LYS A 50 -6.05 18.27 -9.94
CA LYS A 50 -7.40 18.00 -10.41
C LYS A 50 -8.43 17.88 -9.28
N GLY A 51 -8.00 17.77 -8.03
CA GLY A 51 -8.98 17.80 -6.95
C GLY A 51 -9.92 16.60 -7.01
N LEU A 52 -9.42 15.46 -7.44
CA LEU A 52 -10.24 14.24 -7.54
C LEU A 52 -9.98 13.23 -6.43
N PHE A 53 -8.78 13.19 -5.85
CA PHE A 53 -8.40 12.16 -4.88
C PHE A 53 -7.86 12.82 -3.63
N ASN A 54 -8.10 12.15 -2.49
CA ASN A 54 -7.45 12.52 -1.22
CA ASN A 54 -7.46 12.52 -1.23
C ASN A 54 -6.08 11.86 -1.22
N TYR A 55 -5.00 12.65 -1.31
CA TYR A 55 -3.66 12.08 -1.37
C TYR A 55 -3.02 12.04 0.01
N LYS A 56 -2.21 11.01 0.26
CA LYS A 56 -1.35 10.97 1.43
C LYS A 56 0.03 10.50 0.99
N ARG A 57 1.09 11.19 1.43
CA ARG A 57 2.44 10.72 1.13
C ARG A 57 3.02 10.08 2.39
N LEU A 58 3.59 8.89 2.25
CA LEU A 58 4.41 8.27 3.30
C LEU A 58 5.81 8.33 2.74
N PRO A 59 6.63 9.26 3.19
CA PRO A 59 7.85 9.62 2.44
C PRO A 59 9.03 8.70 2.73
N ALA A 60 9.04 7.57 2.02
CA ALA A 60 9.95 6.46 2.28
C ALA A 60 10.77 6.16 1.03
N THR A 61 12.02 5.75 1.23
CA THR A 61 12.83 5.28 0.10
C THR A 61 12.89 3.77 0.15
N ASP A 62 13.23 3.18 -1.00
CA ASP A 62 13.31 1.72 -1.09
C ASP A 62 14.78 1.38 -0.80
N SER A 63 15.12 1.32 0.50
CA SER A 63 16.53 1.16 0.86
C SER A 63 16.62 0.16 2.00
N ASN A 64 17.86 -0.24 2.30
CA ASN A 64 18.18 -1.17 3.37
CA ASN A 64 18.07 -1.19 3.38
C ASN A 64 18.02 -0.53 4.75
N LYS A 65 17.88 0.79 4.83
CA LYS A 65 17.82 1.45 6.12
C LYS A 65 16.46 2.06 6.41
N GLN A 66 15.58 2.21 5.41
CA GLN A 66 14.31 2.90 5.59
C GLN A 66 13.44 2.20 6.63
N ASN A 67 12.94 2.95 7.61
CA ASN A 67 11.92 2.46 8.55
C ASN A 67 10.54 2.64 7.90
N LEU A 68 9.82 1.54 7.55
CA LEU A 68 8.43 1.69 7.12
C LEU A 68 7.43 1.44 8.23
N ARG A 69 7.80 0.58 9.22
CA ARG A 69 6.94 0.31 10.38
C ARG A 69 6.37 1.59 10.96
N GLN A 70 7.17 2.68 10.99
CA GLN A 70 6.67 3.93 11.59
C GLN A 70 5.42 4.47 10.89
N TYR A 71 5.16 4.08 9.64
CA TYR A 71 4.02 4.61 8.86
C TYR A 71 2.83 3.65 8.86
N PHE A 72 2.98 2.48 9.46
CA PHE A 72 1.90 1.45 9.31
C PHE A 72 0.57 2.00 9.84
N GLU A 73 0.58 2.55 11.05
CA GLU A 73 -0.69 2.96 11.65
C GLU A 73 -1.31 4.11 10.86
N GLU A 74 -0.48 5.08 10.42
CA GLU A 74 -1.01 6.15 9.58
C GLU A 74 -1.69 5.58 8.33
N ALA A 75 -1.02 4.64 7.65
CA ALA A 75 -1.60 4.03 6.46
C ALA A 75 -2.90 3.31 6.80
N PHE A 76 -2.92 2.60 7.93
CA PHE A 76 -4.12 1.83 8.28
C PHE A 76 -5.30 2.76 8.52
N GLU A 77 -5.05 3.88 9.22
CA GLU A 77 -6.15 4.82 9.48
C GLU A 77 -6.72 5.37 8.18
N PHE A 78 -5.84 5.66 7.21
CA PHE A 78 -6.30 6.23 5.93
C PHE A 78 -7.06 5.17 5.11
N ILE A 79 -6.58 3.94 5.13
CA ILE A 79 -7.30 2.84 4.51
C ILE A 79 -8.67 2.68 5.14
N GLU A 80 -8.78 2.83 6.48
CA GLU A 80 -10.10 2.70 7.13
C GLU A 80 -11.02 3.88 6.78
N GLU A 81 -10.45 5.06 6.56
CA GLU A 81 -11.26 6.18 6.11
C GLU A 81 -11.89 5.85 4.76
N ALA A 82 -11.07 5.37 3.80
CA ALA A 82 -11.62 5.01 2.48
C ALA A 82 -12.67 3.90 2.63
N HIS A 83 -12.36 2.90 3.44
CA HIS A 83 -13.29 1.79 3.73
C HIS A 83 -14.66 2.31 4.16
N GLN A 84 -14.68 3.13 5.21
CA GLN A 84 -15.94 3.58 5.78
C GLN A 84 -16.66 4.59 4.87
N CYS A 85 -15.91 5.25 3.98
CA CYS A 85 -16.43 6.20 3.01
CA CYS A 85 -16.51 6.19 3.05
C CYS A 85 -17.06 5.52 1.79
N GLY A 86 -16.80 4.22 1.61
CA GLY A 86 -17.28 3.50 0.43
C GLY A 86 -16.53 3.83 -0.85
N LYS A 87 -15.30 4.28 -0.74
CA LYS A 87 -14.45 4.62 -1.86
C LYS A 87 -13.26 3.67 -1.91
N GLY A 88 -12.65 3.58 -3.10
CA GLY A 88 -11.44 2.80 -3.22
C GLY A 88 -10.19 3.59 -2.83
N LEU A 89 -9.14 2.84 -2.49
CA LEU A 89 -7.84 3.43 -2.20
C LEU A 89 -6.79 2.73 -3.04
N LEU A 90 -5.92 3.51 -3.71
CA LEU A 90 -4.75 2.97 -4.40
C LEU A 90 -3.52 3.27 -3.55
N ILE A 91 -2.71 2.25 -3.25
CA ILE A 91 -1.44 2.48 -2.58
C ILE A 91 -0.33 2.11 -3.57
N HIS A 92 0.65 3.00 -3.77
CA HIS A 92 1.62 2.72 -4.83
C HIS A 92 3.02 3.18 -4.43
N CYS A 93 4.04 2.58 -5.06
CA CYS A 93 5.36 3.22 -4.98
C CYS A 93 5.95 3.16 -6.39
N GLN A 94 7.01 2.38 -6.65
CA GLN A 94 7.64 2.30 -7.97
C GLN A 94 7.60 0.85 -8.46
N ALA A 95 8.22 0.62 -9.63
CA ALA A 95 8.32 -0.74 -10.16
C ALA A 95 8.82 -1.72 -9.09
N GLY A 96 8.16 -2.90 -9.01
CA GLY A 96 8.50 -3.93 -8.03
C GLY A 96 7.72 -3.81 -6.73
N VAL A 97 7.02 -2.69 -6.54
CA VAL A 97 6.13 -2.35 -5.43
C VAL A 97 6.64 -2.77 -4.04
N SER A 98 7.95 -2.66 -3.74
CA SER A 98 8.38 -3.19 -2.45
C SER A 98 7.79 -2.41 -1.29
N ARG A 99 7.74 -1.07 -1.39
CA ARG A 99 7.22 -0.29 -0.27
C ARG A 99 5.72 -0.46 -0.10
N SER A 100 4.97 -0.33 -1.20
CA SER A 100 3.52 -0.39 -1.09
C SER A 100 3.07 -1.81 -0.74
N ALA A 101 3.74 -2.83 -1.27
CA ALA A 101 3.31 -4.20 -0.90
C ALA A 101 3.58 -4.49 0.57
N THR A 102 4.66 -3.97 1.14
CA THR A 102 4.91 -4.19 2.57
C THR A 102 3.77 -3.65 3.40
N ILE A 103 3.33 -2.42 3.08
CA ILE A 103 2.21 -1.81 3.80
C ILE A 103 0.94 -2.64 3.63
N VAL A 104 0.65 -3.07 2.41
CA VAL A 104 -0.56 -3.93 2.20
C VAL A 104 -0.47 -5.19 3.05
N ILE A 105 0.67 -5.89 3.00
CA ILE A 105 0.85 -7.12 3.77
C ILE A 105 0.62 -6.87 5.25
N ALA A 106 1.21 -5.78 5.79
CA ALA A 106 1.01 -5.44 7.20
C ALA A 106 -0.46 -5.21 7.51
N TYR A 107 -1.16 -4.53 6.61
CA TYR A 107 -2.59 -4.29 6.81
C TYR A 107 -3.35 -5.61 6.88
N LEU A 108 -3.07 -6.51 5.95
CA LEU A 108 -3.73 -7.83 5.98
C LEU A 108 -3.45 -8.57 7.29
N MET A 109 -2.21 -8.54 7.74
CA MET A 109 -1.84 -9.21 8.98
C MET A 109 -2.66 -8.70 10.17
N LYS A 110 -2.70 -7.39 10.34
CA LYS A 110 -3.32 -6.85 11.54
C LYS A 110 -4.85 -6.85 11.43
N HIS A 111 -5.37 -6.41 10.29
CA HIS A 111 -6.79 -6.16 10.19
C HIS A 111 -7.56 -7.27 9.49
N THR A 112 -6.88 -8.26 8.93
CA THR A 112 -7.65 -9.38 8.42
C THR A 112 -7.17 -10.69 9.05
N ARG A 113 -6.35 -10.61 10.13
CA ARG A 113 -5.91 -11.76 10.94
C ARG A 113 -5.23 -12.80 10.08
N MET A 114 -4.27 -12.35 9.24
CA MET A 114 -3.47 -13.29 8.45
C MET A 114 -2.06 -13.41 9.03
N THR A 115 -1.47 -14.61 8.99
CA THR A 115 -0.05 -14.72 9.31
C THR A 115 0.74 -13.96 8.25
N MET A 116 1.98 -13.60 8.59
CA MET A 116 2.80 -12.87 7.63
C MET A 116 2.97 -13.68 6.33
N THR A 117 3.26 -14.98 6.45
CA THR A 117 3.47 -15.80 5.26
C THR A 117 2.21 -15.86 4.42
N ASP A 118 1.06 -16.09 5.06
CA ASP A 118 -0.19 -16.17 4.28
C ASP A 118 -0.50 -14.86 3.59
N ALA A 119 -0.30 -13.71 4.28
CA ALA A 119 -0.56 -12.40 3.68
C ALA A 119 0.38 -12.13 2.51
N TYR A 120 1.67 -12.44 2.68
CA TYR A 120 2.61 -12.32 1.56
C TYR A 120 2.18 -13.18 0.38
N LYS A 121 1.87 -14.46 0.61
CA LYS A 121 1.47 -15.32 -0.51
C LYS A 121 0.18 -14.83 -1.15
N PHE A 122 -0.73 -14.24 -0.35
CA PHE A 122 -2.00 -13.75 -0.88
C PHE A 122 -1.73 -12.59 -1.85
N VAL A 123 -0.90 -11.66 -1.42
CA VAL A 123 -0.58 -10.50 -2.27
C VAL A 123 0.19 -10.94 -3.49
N LYS A 124 1.16 -11.84 -3.31
CA LYS A 124 1.94 -12.27 -4.46
C LYS A 124 1.09 -13.07 -5.46
N GLY A 125 0.04 -13.74 -4.98
CA GLY A 125 -0.89 -14.44 -5.86
C GLY A 125 -1.68 -13.49 -6.73
N LYS A 126 -1.80 -12.23 -6.34
CA LYS A 126 -2.51 -11.24 -7.17
C LYS A 126 -1.58 -10.33 -7.95
N ARG A 127 -0.38 -10.11 -7.45
CA ARG A 127 0.61 -9.20 -8.05
C ARG A 127 1.91 -10.00 -8.07
N PRO A 128 2.15 -10.79 -9.14
CA PRO A 128 3.23 -11.80 -9.10
C PRO A 128 4.64 -11.25 -8.92
N ILE A 129 4.91 -10.03 -9.35
CA ILE A 129 6.26 -9.47 -9.27
C ILE A 129 6.32 -8.53 -8.09
N ILE A 130 7.05 -8.92 -7.04
CA ILE A 130 7.24 -8.04 -5.88
C ILE A 130 8.73 -8.14 -5.56
N SER A 131 9.45 -6.99 -5.70
CA SER A 131 10.91 -7.06 -5.57
C SER A 131 11.29 -7.18 -4.08
N PRO A 132 12.41 -7.83 -3.80
CA PRO A 132 12.76 -8.11 -2.40
C PRO A 132 13.39 -6.89 -1.76
N ASN A 133 13.07 -6.74 -0.47
CA ASN A 133 13.81 -5.81 0.39
C ASN A 133 13.96 -6.53 1.73
N LEU A 134 15.16 -7.02 2.03
CA LEU A 134 15.38 -7.82 3.24
C LEU A 134 15.07 -7.04 4.51
N ASN A 135 15.43 -5.76 4.54
CA ASN A 135 15.05 -4.87 5.65
C ASN A 135 13.55 -4.84 5.87
N PHE A 136 12.76 -4.68 4.78
CA PHE A 136 11.31 -4.68 4.97
C PHE A 136 10.78 -6.04 5.40
N MET A 137 11.39 -7.13 4.92
CA MET A 137 11.02 -8.48 5.42
C MET A 137 11.16 -8.54 6.94
N GLY A 138 12.31 -8.07 7.44
CA GLY A 138 12.54 -8.10 8.88
C GLY A 138 11.53 -7.24 9.62
N GLN A 139 11.14 -6.10 9.04
CA GLN A 139 10.14 -5.27 9.73
C GLN A 139 8.79 -6.00 9.78
N LEU A 140 8.42 -6.74 8.71
CA LEU A 140 7.18 -7.52 8.81
C LEU A 140 7.28 -8.59 9.89
N LEU A 141 8.44 -9.19 10.02
CA LEU A 141 8.64 -10.24 11.02
C LEU A 141 8.54 -9.67 12.43
N GLU A 142 9.14 -8.50 12.69
CA GLU A 142 8.98 -7.84 13.99
C GLU A 142 7.53 -7.47 14.20
N PHE A 143 6.84 -7.06 13.13
CA PHE A 143 5.45 -6.64 13.28
C PHE A 143 4.58 -7.84 13.61
N GLU A 144 4.89 -8.97 12.98
CA GLU A 144 4.11 -10.18 13.28
C GLU A 144 4.29 -10.60 14.73
N GLU A 145 5.55 -10.58 15.19
CA GLU A 145 5.83 -10.92 16.58
C GLU A 145 5.10 -9.98 17.54
N ASP A 146 5.08 -8.68 17.23
CA ASP A 146 4.37 -7.72 18.08
C ASP A 146 2.86 -7.98 18.09
N LEU A 147 2.27 -8.28 16.91
CA LEU A 147 0.85 -8.64 16.90
C LEU A 147 0.60 -9.88 17.75
N ASN A 148 1.45 -10.90 17.60
CA ASN A 148 1.20 -12.14 18.35
C ASN A 148 1.42 -11.95 19.85
N ASN A 149 2.22 -10.97 20.25
CA ASN A 149 2.38 -10.66 21.67
C ASN A 149 1.39 -9.62 22.18
N GLY A 150 0.49 -9.12 21.34
CA GLY A 150 -0.50 -8.14 21.77
C GLY A 150 0.04 -6.75 22.00
N VAL A 151 1.19 -6.44 21.41
CA VAL A 151 1.90 -5.20 21.65
C VAL A 151 1.42 -4.11 20.70
N THR A 152 0.89 -4.48 19.54
CA THR A 152 0.21 -3.58 18.62
C THR A 152 -1.15 -4.16 18.19
#